data_1VTO
#
_entry.id   1VTO
#
_cell.length_a   42.000
_cell.length_b   147.000
_cell.length_c   57.000
_cell.angle_alpha   90.00
_cell.angle_beta   90.50
_cell.angle_gamma   90.00
#
_symmetry.space_group_name_H-M   'P 1 21 1'
#
loop_
_entity.id
_entity.type
_entity.pdbx_description
1 polymer "DNA (5'-D(*GP*CP*TP*AP*TP*AP*AP*AP*AP*GP*GP*GP*CP*A)-3')"
2 polymer "DNA (5'-D(*TP*GP*CP*CP*CP*TP*TP*TP*TP*AP*TP*AP*GP*C)-3')"
3 polymer 'TATA BINDING PROTEIN'
4 water water
#
loop_
_entity_poly.entity_id
_entity_poly.type
_entity_poly.pdbx_seq_one_letter_code
_entity_poly.pdbx_strand_id
1 'polydeoxyribonucleotide' (DG)(DC)(DT)(DA)(DT)(DA)(DA)(DA)(DA)(DG)(DG)(DG)(DC)(DA) C,E
2 'polydeoxyribonucleotide' (DT)(DG)(DC)(DC)(DC)(DT)(DT)(DT)(DT)(DA)(DT)(DA)(DG)(DC) D,F
3 'polypeptide(L)'
;PVDLSKHPSGIVPTLQNIVSTVNLDCKLDLKAIALQARNAEYNPKRFAAVIMRIREPKTTALIFASGKMVCTGAKSEDFS
KMAARKYARIVQKLGFPAKFKDFKIQNIVGSCDVKFPIRLEGLAYSHAAFSSYEPELFPGLIYRMKVPKIVLLIFVSGKI
VITGAKMRDETYKAFENIYPVLSEFRKIQQ
;
A,B
#
loop_
_chem_comp.id
_chem_comp.type
_chem_comp.name
_chem_comp.formula
DA DNA linking 2'-DEOXYADENOSINE-5'-MONOPHOSPHATE 'C10 H14 N5 O6 P'
DC DNA linking 2'-DEOXYCYTIDINE-5'-MONOPHOSPHATE 'C9 H14 N3 O7 P'
DG DNA linking 2'-DEOXYGUANOSINE-5'-MONOPHOSPHATE 'C10 H14 N5 O7 P'
DT DNA linking THYMIDINE-5'-MONOPHOSPHATE 'C10 H15 N2 O8 P'
#
# COMPACT_ATOMS: atom_id res chain seq x y z
N VAL E 2 9.93 -3.26 -10.67
CA VAL E 2 9.20 -1.96 -10.74
C VAL E 2 9.87 -0.90 -9.83
N ASP E 3 9.94 0.34 -10.29
CA ASP E 3 10.52 1.39 -9.49
C ASP E 3 9.56 1.73 -8.33
N LEU E 4 9.88 1.17 -7.16
CA LEU E 4 9.10 1.36 -5.95
C LEU E 4 8.97 2.82 -5.54
N SER E 5 9.75 3.69 -6.18
CA SER E 5 9.74 5.12 -5.88
C SER E 5 8.62 5.93 -6.60
N LYS E 6 8.23 5.47 -7.79
CA LYS E 6 7.19 6.14 -8.56
C LYS E 6 5.90 5.35 -8.34
N HIS E 7 6.05 4.05 -8.09
CA HIS E 7 4.92 3.15 -7.88
C HIS E 7 5.10 2.42 -6.53
N PRO E 8 4.77 3.10 -5.41
CA PRO E 8 4.89 2.54 -4.04
C PRO E 8 4.24 1.19 -3.84
N SER E 9 3.14 0.95 -4.53
CA SER E 9 2.43 -0.33 -4.48
C SER E 9 3.27 -1.44 -5.13
N GLY E 10 4.20 -1.00 -5.98
CA GLY E 10 5.05 -1.92 -6.70
C GLY E 10 4.31 -2.57 -7.85
N ILE E 11 3.16 -1.99 -8.21
CA ILE E 11 2.35 -2.50 -9.32
C ILE E 11 2.14 -1.34 -10.29
N VAL E 12 2.38 -1.59 -11.56
CA VAL E 12 2.21 -0.58 -12.60
C VAL E 12 1.06 -0.98 -13.52
N PRO E 13 -0.02 -0.18 -13.56
CA PRO E 13 -1.16 -0.49 -14.45
C PRO E 13 -0.65 -0.66 -15.89
N THR E 14 -1.17 -1.68 -16.59
CA THR E 14 -0.83 -1.96 -18.00
C THR E 14 -1.75 -1.14 -18.88
N LEU E 15 -1.20 -0.40 -19.83
CA LEU E 15 -2.08 0.41 -20.69
C LEU E 15 -2.73 -0.55 -21.71
N GLN E 16 -4.02 -0.43 -21.90
CA GLN E 16 -4.74 -1.38 -22.75
C GLN E 16 -5.40 -0.80 -23.98
N ASN E 17 -5.73 0.48 -23.90
CA ASN E 17 -6.44 1.15 -24.98
C ASN E 17 -6.22 2.64 -24.87
N ILE E 18 -5.98 3.25 -26.03
CA ILE E 18 -5.75 4.69 -26.12
C ILE E 18 -6.73 5.25 -27.17
N VAL E 19 -7.38 6.37 -26.88
CA VAL E 19 -8.28 7.00 -27.84
C VAL E 19 -7.71 8.39 -28.08
N SER E 20 -7.44 8.71 -29.34
CA SER E 20 -6.91 10.01 -29.68
C SER E 20 -7.70 10.58 -30.85
N THR E 21 -7.56 11.89 -31.08
CA THR E 21 -8.22 12.54 -32.19
C THR E 21 -7.20 13.45 -32.85
N VAL E 22 -7.42 13.72 -34.14
CA VAL E 22 -6.58 14.64 -34.89
C VAL E 22 -7.41 15.26 -35.99
N ASN E 23 -7.02 16.48 -36.34
CA ASN E 23 -7.70 17.24 -37.39
C ASN E 23 -6.87 17.18 -38.67
N LEU E 24 -7.40 16.51 -39.69
CA LEU E 24 -6.67 16.40 -40.96
C LEU E 24 -6.73 17.74 -41.70
N ASP E 25 -7.56 18.63 -41.17
CA ASP E 25 -7.62 19.98 -41.68
C ASP E 25 -7.93 20.10 -43.18
N CYS E 26 -9.00 19.44 -43.61
CA CYS E 26 -9.47 19.45 -45.00
C CYS E 26 -10.72 18.61 -45.08
N LYS E 27 -11.58 18.90 -46.04
CA LYS E 27 -12.83 18.16 -46.21
C LYS E 27 -12.59 16.85 -46.93
N LEU E 28 -13.29 15.80 -46.51
CA LEU E 28 -13.09 14.48 -47.10
C LEU E 28 -14.36 13.95 -47.73
N ASP E 29 -14.19 13.21 -48.81
CA ASP E 29 -15.33 12.60 -49.48
C ASP E 29 -15.30 11.18 -48.97
N LEU E 30 -16.19 10.89 -48.02
CA LEU E 30 -16.23 9.56 -47.42
C LEU E 30 -16.57 8.44 -48.38
N LYS E 31 -17.50 8.72 -49.30
CA LYS E 31 -17.90 7.74 -50.29
C LYS E 31 -16.73 7.39 -51.22
N ALA E 32 -15.96 8.40 -51.65
CA ALA E 32 -14.80 8.16 -52.50
C ALA E 32 -13.72 7.38 -51.72
N ILE E 33 -13.61 7.66 -50.42
CA ILE E 33 -12.64 6.98 -49.57
C ILE E 33 -12.94 5.50 -49.34
N ALA E 34 -14.21 5.19 -49.11
CA ALA E 34 -14.67 3.83 -48.89
C ALA E 34 -14.50 2.98 -50.16
N LEU E 35 -14.55 3.64 -51.31
CA LEU E 35 -14.42 2.97 -52.59
C LEU E 35 -12.97 2.63 -52.97
N GLN E 36 -12.05 3.57 -52.73
CA GLN E 36 -10.63 3.40 -53.04
C GLN E 36 -9.86 2.62 -51.98
N ALA E 37 -10.14 2.93 -50.71
CA ALA E 37 -9.47 2.32 -49.57
C ALA E 37 -9.95 0.90 -49.32
N ARG E 38 -9.08 -0.07 -49.52
CA ARG E 38 -9.44 -1.47 -49.33
C ARG E 38 -9.85 -1.84 -47.91
N ASN E 39 -9.10 -1.34 -46.94
CA ASN E 39 -9.45 -1.69 -45.58
C ASN E 39 -10.21 -0.57 -44.88
N ALA E 40 -11.26 -0.12 -45.58
CA ALA E 40 -12.15 0.96 -45.15
C ALA E 40 -13.63 0.63 -45.40
N GLU E 41 -14.48 0.82 -44.40
CA GLU E 41 -15.91 0.54 -44.51
C GLU E 41 -16.75 1.78 -44.18
N TYR E 42 -17.84 1.99 -44.88
CA TYR E 42 -18.66 3.16 -44.67
C TYR E 42 -20.15 2.89 -44.84
N ASN E 43 -20.90 3.05 -43.75
CA ASN E 43 -22.33 2.84 -43.74
C ASN E 43 -22.93 4.03 -43.02
N PRO E 44 -23.11 5.16 -43.74
CA PRO E 44 -23.66 6.41 -43.25
C PRO E 44 -24.98 6.30 -42.54
N LYS E 45 -25.83 5.38 -42.98
CA LYS E 45 -27.13 5.18 -42.36
C LYS E 45 -26.95 4.68 -40.93
N ARG E 46 -25.81 4.06 -40.67
CA ARG E 46 -25.51 3.53 -39.35
C ARG E 46 -24.60 4.47 -38.55
N PHE E 47 -23.61 5.04 -39.23
CA PHE E 47 -22.68 5.95 -38.59
C PHE E 47 -22.04 6.79 -39.70
N ALA E 48 -21.95 8.09 -39.47
CA ALA E 48 -21.41 8.94 -40.52
C ALA E 48 -19.90 9.01 -40.62
N ALA E 49 -19.22 7.88 -40.46
CA ALA E 49 -17.77 7.90 -40.58
C ALA E 49 -17.26 6.70 -41.33
N VAL E 50 -16.11 6.85 -41.96
CA VAL E 50 -15.49 5.71 -42.62
C VAL E 50 -14.68 5.03 -41.53
N ILE E 51 -14.86 3.72 -41.41
CA ILE E 51 -14.16 2.89 -40.44
C ILE E 51 -13.00 2.23 -41.18
N MET E 52 -11.79 2.53 -40.75
CA MET E 52 -10.60 2.01 -41.39
C MET E 52 -9.69 1.40 -40.32
N ARG E 53 -8.95 0.36 -40.69
CA ARG E 53 -8.07 -0.29 -39.73
C ARG E 53 -6.72 -0.64 -40.32
N ILE E 54 -5.68 -0.62 -39.48
CA ILE E 54 -4.34 -1.04 -39.90
C ILE E 54 -3.87 -2.07 -38.89
N ARG E 55 -2.97 -2.94 -39.34
CA ARG E 55 -2.46 -4.03 -38.49
C ARG E 55 -1.41 -3.62 -37.47
N GLU E 56 -0.61 -2.62 -37.80
CA GLU E 56 0.46 -2.15 -36.94
C GLU E 56 0.62 -0.65 -37.02
N PRO E 57 0.36 0.08 -35.91
CA PRO E 57 -0.08 -0.46 -34.61
C PRO E 57 -1.54 -0.90 -34.80
N LYS E 58 -1.92 -1.99 -34.17
CA LYS E 58 -3.28 -2.49 -34.33
C LYS E 58 -4.26 -1.46 -33.78
N THR E 59 -5.00 -0.80 -34.69
CA THR E 59 -5.94 0.26 -34.31
C THR E 59 -7.11 0.39 -35.28
N THR E 60 -8.10 1.18 -34.88
CA THR E 60 -9.26 1.44 -35.71
C THR E 60 -9.50 2.96 -35.74
N ALA E 61 -9.65 3.51 -36.94
CA ALA E 61 -9.94 4.93 -37.10
C ALA E 61 -11.39 5.19 -37.55
N LEU E 62 -11.94 6.32 -37.08
CA LEU E 62 -13.27 6.77 -37.49
C LEU E 62 -12.92 8.09 -38.20
N ILE E 63 -13.13 8.12 -39.51
CA ILE E 63 -12.76 9.28 -40.33
C ILE E 63 -14.02 10.00 -40.78
N PHE E 64 -14.10 11.29 -40.48
CA PHE E 64 -15.28 12.10 -40.78
C PHE E 64 -15.12 13.05 -41.97
N ALA E 65 -16.23 13.38 -42.61
CA ALA E 65 -16.22 14.27 -43.78
C ALA E 65 -15.57 15.62 -43.46
N SER E 66 -15.67 16.03 -42.19
CA SER E 66 -15.09 17.27 -41.71
C SER E 66 -13.57 17.25 -41.75
N GLY E 67 -12.97 16.06 -41.86
CA GLY E 67 -11.51 15.98 -41.84
C GLY E 67 -11.06 15.60 -40.44
N LYS E 68 -11.97 15.61 -39.47
CA LYS E 68 -11.63 15.22 -38.11
C LYS E 68 -11.55 13.70 -38.01
N MET E 69 -10.71 13.20 -37.10
CA MET E 69 -10.52 11.77 -36.97
C MET E 69 -10.29 11.22 -35.57
N VAL E 70 -10.90 10.07 -35.29
CA VAL E 70 -10.75 9.38 -34.00
C VAL E 70 -9.90 8.10 -34.19
N CYS E 71 -8.85 7.94 -33.38
CA CYS E 71 -8.01 6.73 -33.44
C CYS E 71 -8.19 5.95 -32.14
N THR E 72 -8.51 4.65 -32.23
CA THR E 72 -8.75 3.77 -31.05
C THR E 72 -7.95 2.48 -31.13
N GLY E 73 -7.80 1.82 -29.98
CA GLY E 73 -7.11 0.55 -29.95
C GLY E 73 -5.63 0.46 -29.64
N ALA E 74 -4.87 1.54 -29.82
CA ALA E 74 -3.43 1.51 -29.53
C ALA E 74 -3.13 1.20 -28.05
N LYS E 75 -1.97 0.61 -27.80
CA LYS E 75 -1.59 0.25 -26.44
C LYS E 75 -0.77 1.30 -25.73
N SER E 76 -0.42 2.37 -26.45
CA SER E 76 0.35 3.49 -25.89
C SER E 76 -0.01 4.78 -26.62
N GLU E 77 0.35 5.91 -26.00
CA GLU E 77 0.08 7.26 -26.54
C GLU E 77 0.90 7.43 -27.79
N ASP E 78 2.14 6.95 -27.75
CA ASP E 78 3.03 7.01 -28.90
C ASP E 78 2.53 6.13 -30.04
N PHE E 79 2.00 4.96 -29.69
CA PHE E 79 1.45 4.06 -30.70
C PHE E 79 0.20 4.68 -31.34
N SER E 80 -0.58 5.40 -30.52
CA SER E 80 -1.79 6.04 -30.98
C SER E 80 -1.44 7.16 -32.00
N LYS E 81 -0.48 8.01 -31.66
CA LYS E 81 -0.07 9.10 -32.57
C LYS E 81 0.48 8.51 -33.87
N MET E 82 1.38 7.54 -33.73
CA MET E 82 1.97 6.83 -34.82
C MET E 82 0.89 6.22 -35.75
N ALA E 83 -0.17 5.67 -35.15
CA ALA E 83 -1.27 5.09 -35.94
C ALA E 83 -2.06 6.19 -36.65
N ALA E 84 -2.34 7.27 -35.91
CA ALA E 84 -3.08 8.41 -36.44
C ALA E 84 -2.37 9.02 -37.68
N ARG E 85 -1.03 9.02 -37.64
CA ARG E 85 -0.18 9.53 -38.71
C ARG E 85 -0.24 8.62 -39.93
N LYS E 86 -0.28 7.32 -39.69
CA LYS E 86 -0.39 6.34 -40.77
C LYS E 86 -1.73 6.54 -41.49
N TYR E 87 -2.80 6.80 -40.75
CA TYR E 87 -4.08 7.01 -41.37
C TYR E 87 -4.05 8.32 -42.13
N ALA E 88 -3.41 9.34 -41.58
CA ALA E 88 -3.39 10.62 -42.29
C ALA E 88 -2.66 10.50 -43.62
N ARG E 89 -1.65 9.63 -43.69
CA ARG E 89 -0.88 9.43 -44.94
C ARG E 89 -1.67 8.63 -45.98
N ILE E 90 -2.47 7.66 -45.51
CA ILE E 90 -3.32 6.88 -46.39
C ILE E 90 -4.32 7.87 -47.03
N VAL E 91 -4.89 8.75 -46.22
CA VAL E 91 -5.86 9.74 -46.70
C VAL E 91 -5.21 10.73 -47.67
N GLN E 92 -3.93 11.07 -47.40
CA GLN E 92 -3.14 11.96 -48.25
C GLN E 92 -2.95 11.30 -49.61
N LYS E 93 -2.52 10.03 -49.58
CA LYS E 93 -2.28 9.25 -50.77
C LYS E 93 -3.52 8.92 -51.57
N LEU E 94 -4.68 9.19 -50.99
CA LEU E 94 -5.94 8.94 -51.67
C LEU E 94 -6.33 10.23 -52.42
N GLY E 95 -5.49 11.26 -52.29
CA GLY E 95 -5.74 12.50 -52.97
C GLY E 95 -6.30 13.68 -52.19
N PHE E 96 -6.21 13.65 -50.86
CA PHE E 96 -6.71 14.76 -50.06
C PHE E 96 -5.53 15.45 -49.38
N PRO E 97 -5.56 16.79 -49.28
CA PRO E 97 -4.49 17.59 -48.64
C PRO E 97 -4.47 17.45 -47.11
N ALA E 98 -4.28 16.22 -46.65
CA ALA E 98 -4.29 15.90 -45.24
C ALA E 98 -3.11 16.39 -44.42
N LYS E 99 -3.42 17.14 -43.36
CA LYS E 99 -2.41 17.65 -42.42
C LYS E 99 -2.54 16.83 -41.11
N PHE E 100 -1.96 17.33 -40.02
CA PHE E 100 -2.00 16.66 -38.73
C PHE E 100 -2.07 17.73 -37.67
N LYS E 101 -3.26 18.28 -37.55
CA LYS E 101 -3.52 19.38 -36.62
C LYS E 101 -4.19 18.97 -35.30
N ASP E 102 -3.70 19.57 -34.23
CA ASP E 102 -4.24 19.34 -32.91
C ASP E 102 -4.39 17.90 -32.42
N PHE E 103 -3.42 17.04 -32.71
CA PHE E 103 -3.46 15.67 -32.22
C PHE E 103 -3.61 15.72 -30.69
N LYS E 104 -4.53 14.94 -30.15
CA LYS E 104 -4.75 14.96 -28.73
C LYS E 104 -5.18 13.60 -28.18
N ILE E 105 -4.50 13.14 -27.13
CA ILE E 105 -4.88 11.90 -26.44
C ILE E 105 -6.14 12.22 -25.61
N GLN E 106 -7.24 11.58 -26.00
CA GLN E 106 -8.54 11.78 -25.37
C GLN E 106 -8.88 10.86 -24.18
N ASN E 107 -8.41 9.63 -24.21
CA ASN E 107 -8.71 8.71 -23.12
C ASN E 107 -7.66 7.62 -23.10
N ILE E 108 -7.32 7.19 -21.89
CA ILE E 108 -6.33 6.14 -21.70
C ILE E 108 -7.00 5.16 -20.77
N VAL E 109 -6.88 3.87 -21.10
CA VAL E 109 -7.49 2.79 -20.34
C VAL E 109 -6.39 1.86 -19.90
N GLY E 110 -6.32 1.58 -18.60
CA GLY E 110 -5.30 0.70 -18.04
C GLY E 110 -5.94 -0.32 -17.11
N SER E 111 -5.18 -1.35 -16.73
CA SER E 111 -5.71 -2.40 -15.87
C SER E 111 -4.57 -3.06 -15.13
N CYS E 112 -4.88 -3.65 -13.97
CA CYS E 112 -3.88 -4.35 -13.19
C CYS E 112 -4.54 -5.32 -12.26
N ASP E 113 -3.72 -6.04 -11.53
CA ASP E 113 -4.15 -7.10 -10.63
C ASP E 113 -3.43 -6.93 -9.29
N VAL E 114 -4.16 -6.68 -8.20
CA VAL E 114 -3.49 -6.54 -6.91
C VAL E 114 -3.25 -7.90 -6.28
N LYS E 115 -3.74 -8.93 -6.97
CA LYS E 115 -3.57 -10.32 -6.58
C LYS E 115 -4.14 -10.76 -5.23
N PHE E 116 -5.27 -10.17 -4.86
CA PHE E 116 -6.00 -10.56 -3.67
C PHE E 116 -7.42 -10.17 -3.93
N PRO E 117 -8.38 -10.95 -3.36
CA PRO E 117 -9.81 -10.65 -3.55
C PRO E 117 -10.32 -9.47 -2.70
N ILE E 118 -11.39 -8.84 -3.16
CA ILE E 118 -11.94 -7.65 -2.52
C ILE E 118 -13.38 -7.84 -2.04
N ARG E 119 -13.66 -7.27 -0.87
CA ARG E 119 -14.99 -7.25 -0.26
C ARG E 119 -15.69 -6.01 -0.85
N LEU E 120 -16.25 -6.15 -2.07
CA LEU E 120 -16.88 -5.02 -2.75
C LEU E 120 -18.00 -4.34 -1.97
N GLU E 121 -18.85 -5.15 -1.34
CA GLU E 121 -19.98 -4.66 -0.55
C GLU E 121 -19.49 -3.69 0.54
N GLY E 122 -18.42 -4.07 1.24
CA GLY E 122 -17.89 -3.20 2.29
C GLY E 122 -17.26 -1.93 1.79
N LEU E 123 -16.49 -2.05 0.71
CA LEU E 123 -15.88 -0.87 0.13
C LEU E 123 -17.00 0.04 -0.36
N ALA E 124 -18.02 -0.54 -0.96
CA ALA E 124 -19.15 0.22 -1.47
C ALA E 124 -19.82 1.03 -0.35
N TYR E 125 -19.98 0.39 0.80
CA TYR E 125 -20.62 1.02 1.94
C TYR E 125 -19.79 2.18 2.51
N SER E 126 -18.50 1.93 2.75
CA SER E 126 -17.62 2.96 3.30
C SER E 126 -17.29 4.12 2.37
N HIS E 127 -17.34 3.86 1.06
CA HIS E 127 -17.05 4.84 0.02
C HIS E 127 -18.25 5.07 -0.87
N ALA E 128 -19.43 5.24 -0.24
CA ALA E 128 -20.68 5.40 -0.98
C ALA E 128 -20.79 6.61 -1.87
N ALA E 129 -20.10 7.69 -1.51
CA ALA E 129 -20.14 8.90 -2.32
C ALA E 129 -19.30 8.80 -3.59
N PHE E 130 -18.63 7.66 -3.79
CA PHE E 130 -17.82 7.48 -4.98
C PHE E 130 -18.15 6.17 -5.63
N SER E 131 -18.88 5.30 -4.92
CA SER E 131 -19.19 3.96 -5.40
C SER E 131 -20.58 3.70 -5.95
N SER E 132 -20.66 2.75 -6.89
CA SER E 132 -21.91 2.28 -7.47
C SER E 132 -21.66 0.81 -7.61
N TYR E 133 -22.45 0.02 -6.91
CA TYR E 133 -22.29 -1.43 -6.95
C TYR E 133 -23.69 -2.08 -6.90
N GLU E 134 -24.09 -2.65 -8.04
CA GLU E 134 -25.36 -3.34 -8.23
C GLU E 134 -24.87 -4.61 -8.87
N PRO E 135 -24.33 -5.56 -8.08
CA PRO E 135 -23.82 -6.82 -8.61
C PRO E 135 -24.78 -7.61 -9.48
N GLU E 136 -26.09 -7.42 -9.30
CA GLU E 136 -27.05 -8.13 -10.14
C GLU E 136 -27.06 -7.55 -11.54
N LEU E 137 -26.59 -6.31 -11.66
CA LEU E 137 -26.46 -5.58 -12.91
C LEU E 137 -25.13 -5.90 -13.61
N PHE E 138 -24.04 -5.48 -12.99
CA PHE E 138 -22.68 -5.67 -13.50
C PHE E 138 -21.88 -6.13 -12.28
N PRO E 139 -21.06 -7.19 -12.42
CA PRO E 139 -20.29 -7.68 -11.27
C PRO E 139 -19.25 -6.74 -10.66
N GLY E 140 -18.84 -5.69 -11.37
CA GLY E 140 -17.84 -4.80 -10.80
C GLY E 140 -18.38 -3.58 -10.08
N LEU E 141 -17.64 -3.08 -9.10
CA LEU E 141 -18.01 -1.87 -8.40
C LEU E 141 -17.45 -0.70 -9.21
N ILE E 142 -18.29 0.31 -9.48
CA ILE E 142 -17.87 1.49 -10.23
C ILE E 142 -17.45 2.55 -9.21
N TYR E 143 -16.16 2.91 -9.25
CA TYR E 143 -15.59 3.87 -8.32
C TYR E 143 -15.17 5.13 -9.07
N ARG E 144 -15.91 6.19 -8.85
CA ARG E 144 -15.65 7.45 -9.53
C ARG E 144 -14.82 8.35 -8.65
N MET E 145 -13.51 8.23 -8.81
CA MET E 145 -12.56 9.02 -8.06
C MET E 145 -12.61 10.50 -8.42
N LYS E 146 -12.52 11.37 -7.41
CA LYS E 146 -12.55 12.80 -7.64
C LYS E 146 -11.20 13.41 -7.93
N VAL E 147 -10.15 12.91 -7.28
CA VAL E 147 -8.80 13.41 -7.52
C VAL E 147 -7.80 12.25 -7.56
N PRO E 148 -7.30 11.92 -8.78
CA PRO E 148 -7.67 12.58 -10.04
C PRO E 148 -9.11 12.16 -10.42
N LYS E 149 -9.76 12.92 -11.32
CA LYS E 149 -11.14 12.59 -11.72
C LYS E 149 -11.04 11.40 -12.68
N ILE E 150 -11.02 10.22 -12.10
CA ILE E 150 -10.82 8.97 -12.83
C ILE E 150 -11.84 7.94 -12.36
N VAL E 151 -12.21 7.02 -13.26
CA VAL E 151 -13.15 5.96 -12.95
C VAL E 151 -12.47 4.59 -12.90
N LEU E 152 -12.71 3.82 -11.85
CA LEU E 152 -12.11 2.52 -11.72
C LEU E 152 -13.20 1.46 -11.58
N LEU E 153 -13.02 0.30 -12.21
CA LEU E 153 -13.97 -0.79 -12.11
C LEU E 153 -13.22 -1.79 -11.27
N ILE E 154 -13.75 -2.07 -10.08
CA ILE E 154 -13.11 -2.96 -9.13
C ILE E 154 -13.85 -4.27 -9.06
N PHE E 155 -13.13 -5.38 -9.23
CA PHE E 155 -13.77 -6.69 -9.20
C PHE E 155 -13.32 -7.47 -7.97
N VAL E 156 -14.13 -8.46 -7.61
CA VAL E 156 -13.89 -9.31 -6.46
C VAL E 156 -12.57 -10.05 -6.59
N SER E 157 -12.18 -10.34 -7.83
CA SER E 157 -10.93 -11.04 -8.09
C SER E 157 -9.65 -10.24 -7.80
N GLY E 158 -9.76 -8.93 -7.61
CA GLY E 158 -8.56 -8.12 -7.41
C GLY E 158 -8.12 -7.45 -8.71
N LYS E 159 -8.77 -7.81 -9.82
CA LYS E 159 -8.53 -7.23 -11.15
C LYS E 159 -9.14 -5.84 -11.14
N ILE E 160 -8.42 -4.86 -11.69
CA ILE E 160 -8.87 -3.48 -11.72
C ILE E 160 -8.73 -2.84 -13.11
N VAL E 161 -9.74 -2.07 -13.51
CA VAL E 161 -9.70 -1.31 -14.76
C VAL E 161 -9.72 0.17 -14.34
N ILE E 162 -8.86 0.98 -14.96
CA ILE E 162 -8.80 2.41 -14.67
C ILE E 162 -9.01 3.16 -15.99
N THR E 163 -10.01 4.01 -16.05
CA THR E 163 -10.29 4.70 -17.29
C THR E 163 -10.66 6.19 -17.09
N GLY E 164 -10.57 6.94 -18.19
CA GLY E 164 -10.89 8.36 -18.17
C GLY E 164 -9.69 9.29 -18.10
N ALA E 165 -8.48 8.75 -18.07
CA ALA E 165 -7.29 9.60 -17.98
C ALA E 165 -6.87 10.14 -19.34
N LYS E 166 -6.25 11.32 -19.31
CA LYS E 166 -5.73 11.99 -20.51
C LYS E 166 -4.20 11.98 -20.46
N MET E 167 -3.67 11.61 -19.30
CA MET E 167 -2.22 11.54 -19.09
C MET E 167 -1.98 10.26 -18.30
N ARG E 168 -0.97 9.47 -18.68
CA ARG E 168 -0.76 8.21 -17.97
C ARG E 168 -0.50 8.37 -16.46
N ASP E 169 -0.02 9.54 -16.06
CA ASP E 169 0.20 9.74 -14.63
C ASP E 169 -1.10 9.75 -13.84
N GLU E 170 -2.18 10.17 -14.46
CA GLU E 170 -3.48 10.17 -13.79
C GLU E 170 -3.90 8.72 -13.53
N THR E 171 -3.63 7.85 -14.50
CA THR E 171 -3.93 6.42 -14.37
C THR E 171 -3.15 5.85 -13.17
N TYR E 172 -1.87 6.22 -13.10
CA TYR E 172 -1.00 5.74 -12.05
C TYR E 172 -1.39 6.24 -10.69
N LYS E 173 -1.74 7.52 -10.61
CA LYS E 173 -2.10 8.14 -9.34
C LYS E 173 -3.43 7.62 -8.84
N ALA E 174 -4.40 7.44 -9.74
CA ALA E 174 -5.71 6.88 -9.36
C ALA E 174 -5.53 5.49 -8.73
N PHE E 175 -4.65 4.69 -9.32
CA PHE E 175 -4.37 3.35 -8.81
C PHE E 175 -3.65 3.40 -7.44
N GLU E 176 -2.71 4.33 -7.30
CA GLU E 176 -1.96 4.47 -6.06
C GLU E 176 -2.88 4.94 -4.95
N ASN E 177 -3.84 5.78 -5.30
CA ASN E 177 -4.85 6.26 -4.36
C ASN E 177 -5.76 5.12 -3.87
N ILE E 178 -6.24 4.30 -4.81
CA ILE E 178 -7.12 3.19 -4.49
C ILE E 178 -6.45 2.01 -3.79
N TYR E 179 -5.15 1.79 -4.05
CA TYR E 179 -4.45 0.65 -3.48
C TYR E 179 -4.62 0.41 -1.95
N PRO E 180 -4.43 1.46 -1.10
CA PRO E 180 -4.59 1.22 0.33
C PRO E 180 -6.06 0.88 0.64
N VAL E 181 -6.98 1.46 -0.13
CA VAL E 181 -8.41 1.19 0.05
C VAL E 181 -8.77 -0.26 -0.28
N LEU E 182 -8.23 -0.79 -1.37
CA LEU E 182 -8.46 -2.21 -1.72
C LEU E 182 -7.92 -3.08 -0.58
N SER E 183 -6.76 -2.71 -0.05
CA SER E 183 -6.12 -3.46 1.02
C SER E 183 -6.99 -3.44 2.26
N GLU E 184 -7.57 -2.28 2.52
CA GLU E 184 -8.46 -2.09 3.65
C GLU E 184 -9.65 -3.03 3.51
N PHE E 185 -10.07 -3.30 2.27
CA PHE E 185 -11.20 -4.18 2.03
C PHE E 185 -10.90 -5.51 1.40
N ARG E 186 -9.71 -6.05 1.72
CA ARG E 186 -9.31 -7.38 1.24
C ARG E 186 -10.25 -8.42 1.83
N LYS E 187 -10.74 -9.31 0.99
CA LYS E 187 -11.63 -10.37 1.42
C LYS E 187 -10.80 -11.50 2.00
N ILE E 188 -11.01 -11.73 3.30
CA ILE E 188 -10.31 -12.78 4.04
C ILE E 188 -11.20 -14.01 4.27
N PRO F 1 6.01 9.09 1.25
CA PRO F 1 5.17 8.00 0.73
C PRO F 1 5.53 6.66 1.37
N VAL F 2 4.55 6.04 2.03
CA VAL F 2 4.81 4.77 2.67
C VAL F 2 5.06 3.69 1.60
N ASP F 3 5.89 2.73 1.95
CA ASP F 3 6.19 1.61 1.06
C ASP F 3 4.98 0.69 1.11
N LEU F 4 4.08 0.87 0.15
CA LEU F 4 2.85 0.07 0.06
C LEU F 4 3.04 -1.41 -0.26
N SER F 5 4.21 -1.74 -0.79
CA SER F 5 4.50 -3.14 -1.11
C SER F 5 4.80 -3.90 0.19
N LYS F 6 5.30 -3.17 1.19
CA LYS F 6 5.63 -3.70 2.52
C LYS F 6 4.46 -3.45 3.50
N HIS F 7 3.75 -2.36 3.26
CA HIS F 7 2.65 -1.97 4.10
C HIS F 7 1.49 -1.63 3.20
N PRO F 8 0.81 -2.66 2.66
CA PRO F 8 -0.34 -2.53 1.75
C PRO F 8 -1.43 -1.58 2.26
N SER F 9 -1.69 -1.65 3.58
CA SER F 9 -2.70 -0.82 4.25
C SER F 9 -2.38 0.65 4.12
N GLY F 10 -1.09 0.92 3.98
CA GLY F 10 -0.64 2.28 3.85
C GLY F 10 -0.41 2.84 5.23
N ILE F 11 -0.44 1.97 6.25
CA ILE F 11 -0.22 2.43 7.61
C ILE F 11 1.01 1.73 8.22
N VAL F 12 1.90 2.50 8.84
CA VAL F 12 3.10 1.90 9.44
C VAL F 12 3.10 1.99 10.96
N PRO F 13 2.98 0.85 11.64
CA PRO F 13 2.98 0.86 13.13
C PRO F 13 4.28 1.51 13.62
N THR F 14 4.16 2.33 14.66
CA THR F 14 5.29 3.03 15.26
C THR F 14 5.88 2.17 16.37
N LEU F 15 7.18 1.94 16.34
CA LEU F 15 7.78 1.16 17.39
C LEU F 15 7.85 2.06 18.62
N GLN F 16 7.52 1.50 19.78
CA GLN F 16 7.47 2.27 21.01
C GLN F 16 8.41 1.81 22.12
N ASN F 17 8.79 0.53 22.08
CA ASN F 17 9.63 -0.04 23.13
C ASN F 17 10.26 -1.29 22.58
N ILE F 18 11.54 -1.46 22.93
CA ILE F 18 12.32 -2.60 22.50
C ILE F 18 13.01 -3.19 23.73
N VAL F 19 12.94 -4.51 23.88
CA VAL F 19 13.63 -5.21 24.98
C VAL F 19 14.69 -6.05 24.28
N SER F 20 15.92 -5.97 24.75
CA SER F 20 17.01 -6.75 24.21
C SER F 20 17.82 -7.27 25.37
N THR F 21 18.72 -8.22 25.10
CA THR F 21 19.58 -8.73 26.15
C THR F 21 20.98 -8.88 25.57
N VAL F 22 21.98 -8.98 26.44
CA VAL F 22 23.36 -9.22 26.05
C VAL F 22 24.13 -9.82 27.24
N ASN F 23 25.14 -10.62 26.91
CA ASN F 23 25.94 -11.27 27.94
C ASN F 23 27.23 -10.49 28.05
N LEU F 24 27.46 -9.82 29.17
CA LEU F 24 28.70 -9.08 29.37
C LEU F 24 29.88 -10.09 29.50
N ASP F 25 29.54 -11.36 29.68
CA ASP F 25 30.52 -12.45 29.70
C ASP F 25 31.57 -12.39 30.81
N CYS F 26 31.13 -12.02 32.01
CA CYS F 26 32.02 -11.98 33.16
C CYS F 26 31.19 -11.76 34.42
N LYS F 27 31.63 -12.33 35.54
CA LYS F 27 30.92 -12.15 36.79
C LYS F 27 30.96 -10.69 37.22
N LEU F 28 29.86 -10.20 37.76
CA LEU F 28 29.79 -8.81 38.19
C LEU F 28 29.54 -8.66 39.68
N ASP F 29 30.08 -7.61 40.27
CA ASP F 29 29.89 -7.33 41.70
C ASP F 29 28.87 -6.21 41.81
N LEU F 30 27.60 -6.61 41.96
CA LEU F 30 26.46 -5.69 42.05
C LEU F 30 26.48 -4.64 43.14
N LYS F 31 26.84 -5.02 44.36
CA LYS F 31 26.91 -4.03 45.44
C LYS F 31 27.97 -2.99 45.04
N ALA F 32 29.12 -3.50 44.54
CA ALA F 32 30.23 -2.64 44.10
C ALA F 32 29.79 -1.68 43.02
N ILE F 33 29.17 -2.22 41.97
CA ILE F 33 28.70 -1.38 40.88
C ILE F 33 27.76 -0.31 41.36
N ALA F 34 26.80 -0.69 42.19
CA ALA F 34 25.81 0.26 42.71
C ALA F 34 26.38 1.31 43.66
N LEU F 35 27.58 1.05 44.20
CA LEU F 35 28.22 2.01 45.08
C LEU F 35 29.08 3.01 44.30
N GLN F 36 29.74 2.53 43.25
CA GLN F 36 30.60 3.36 42.42
C GLN F 36 29.85 4.14 41.36
N ALA F 37 28.58 3.78 41.19
CA ALA F 37 27.66 4.43 40.25
C ALA F 37 26.34 4.55 41.04
N ARG F 38 26.37 5.34 42.11
CA ARG F 38 25.22 5.56 43.02
C ARG F 38 23.91 5.92 42.30
N ASN F 39 24.06 6.29 41.02
CA ASN F 39 22.97 6.65 40.11
C ASN F 39 22.43 5.34 39.47
N ALA F 40 22.78 4.25 40.13
CA ALA F 40 22.37 2.91 39.78
C ALA F 40 21.61 2.53 41.04
N GLU F 41 20.59 1.69 40.86
CA GLU F 41 19.75 1.21 41.95
C GLU F 41 20.01 -0.24 42.26
N TYR F 42 19.91 -0.59 43.53
CA TYR F 42 20.16 -1.95 43.94
C TYR F 42 19.50 -2.30 45.27
N ASN F 43 18.44 -3.08 45.16
CA ASN F 43 17.67 -3.56 46.29
C ASN F 43 17.52 -5.05 46.02
N PRO F 44 18.58 -5.84 46.33
CA PRO F 44 18.64 -7.29 46.13
C PRO F 44 17.44 -8.07 46.68
N LYS F 45 16.87 -7.56 47.76
CA LYS F 45 15.70 -8.17 48.38
C LYS F 45 14.53 -7.90 47.44
N ARG F 46 14.56 -6.73 46.82
CA ARG F 46 13.54 -6.35 45.86
C ARG F 46 13.74 -7.14 44.57
N PHE F 47 14.85 -6.88 43.89
CA PHE F 47 15.18 -7.55 42.63
C PHE F 47 16.69 -7.74 42.65
N ALA F 48 17.14 -8.88 42.14
CA ALA F 48 18.58 -9.15 42.13
C ALA F 48 19.31 -8.60 40.93
N ALA F 49 19.06 -7.35 40.64
CA ALA F 49 19.74 -6.73 39.52
C ALA F 49 19.96 -5.28 39.85
N VAL F 50 21.03 -4.73 39.31
CA VAL F 50 21.27 -3.30 39.47
C VAL F 50 20.49 -2.63 38.34
N ILE F 51 19.72 -1.61 38.71
CA ILE F 51 18.94 -0.86 37.75
C ILE F 51 19.71 0.41 37.39
N MET F 52 20.07 0.50 36.11
CA MET F 52 20.87 1.61 35.59
C MET F 52 20.13 2.30 34.44
N ARG F 53 20.27 3.62 34.34
CA ARG F 53 19.61 4.41 33.29
C ARG F 53 20.53 5.44 32.62
N ILE F 54 20.41 5.57 31.30
CA ILE F 54 21.15 6.61 30.57
C ILE F 54 20.12 7.43 29.82
N ARG F 55 20.39 8.71 29.58
CA ARG F 55 19.46 9.60 28.87
C ARG F 55 19.39 9.38 27.36
N GLU F 56 20.51 9.01 26.74
CA GLU F 56 20.54 8.80 25.28
C GLU F 56 21.33 7.58 24.83
N PRO F 57 20.64 6.60 24.17
CA PRO F 57 19.19 6.58 23.82
C PRO F 57 18.49 6.35 25.16
N LYS F 58 17.34 6.96 25.39
CA LYS F 58 16.67 6.83 26.68
C LYS F 58 16.27 5.38 26.98
N THR F 59 16.96 4.76 27.94
CA THR F 59 16.76 3.35 28.27
C THR F 59 16.99 3.02 29.74
N THR F 60 16.63 1.79 30.11
CA THR F 60 16.85 1.28 31.46
C THR F 60 17.43 -0.13 31.33
N ALA F 61 18.57 -0.39 31.96
CA ALA F 61 19.18 -1.73 31.93
C ALA F 61 19.03 -2.43 33.29
N LEU F 62 18.94 -3.75 33.25
CA LEU F 62 18.83 -4.56 34.46
C LEU F 62 20.12 -5.34 34.35
N ILE F 63 21.04 -5.11 35.28
CA ILE F 63 22.33 -5.77 35.25
C ILE F 63 22.43 -6.83 36.35
N PHE F 64 22.77 -8.04 35.94
CA PHE F 64 22.84 -9.18 36.86
C PHE F 64 24.25 -9.61 37.21
N ALA F 65 24.41 -10.24 38.37
CA ALA F 65 25.72 -10.75 38.85
C ALA F 65 26.32 -11.78 37.86
N SER F 66 25.44 -12.42 37.10
CA SER F 66 25.84 -13.38 36.09
C SER F 66 26.59 -12.70 34.96
N GLY F 67 26.40 -11.39 34.81
CA GLY F 67 27.04 -10.68 33.70
C GLY F 67 26.09 -10.46 32.54
N LYS F 68 24.90 -11.07 32.58
CA LYS F 68 23.88 -10.89 31.53
C LYS F 68 23.11 -9.61 31.84
N MET F 69 22.57 -9.00 30.80
CA MET F 69 21.89 -7.73 30.98
C MET F 69 20.67 -7.60 30.07
N VAL F 70 19.64 -6.94 30.61
CA VAL F 70 18.42 -6.65 29.88
C VAL F 70 18.37 -5.13 29.61
N CYS F 71 18.15 -4.75 28.35
CA CYS F 71 18.03 -3.34 27.97
C CYS F 71 16.59 -3.06 27.57
N THR F 72 15.97 -2.05 28.17
CA THR F 72 14.56 -1.76 27.89
C THR F 72 14.30 -0.27 27.56
N GLY F 73 13.20 0.02 26.87
CA GLY F 73 12.83 1.39 26.61
C GLY F 73 13.23 2.08 25.32
N ALA F 74 14.15 1.49 24.56
CA ALA F 74 14.58 2.11 23.30
C ALA F 74 13.45 2.13 22.29
N LYS F 75 13.53 3.05 21.34
CA LYS F 75 12.51 3.19 20.33
C LYS F 75 12.71 2.33 19.09
N SER F 76 13.89 1.73 18.97
CA SER F 76 14.22 0.85 17.85
C SER F 76 15.33 -0.11 18.22
N GLU F 77 15.56 -1.07 17.32
CA GLU F 77 16.59 -2.09 17.50
C GLU F 77 18.01 -1.46 17.54
N ASP F 78 18.26 -0.51 16.65
CA ASP F 78 19.55 0.17 16.60
C ASP F 78 19.79 0.91 17.90
N PHE F 79 18.78 1.65 18.35
CA PHE F 79 18.86 2.40 19.61
C PHE F 79 19.06 1.50 20.81
N SER F 80 18.39 0.37 20.83
CA SER F 80 18.50 -0.59 21.92
C SER F 80 19.91 -1.16 21.98
N LYS F 81 20.46 -1.53 20.83
CA LYS F 81 21.82 -2.08 20.79
C LYS F 81 22.87 -1.04 21.17
N MET F 82 22.72 0.19 20.67
CA MET F 82 23.60 1.29 20.98
C MET F 82 23.57 1.54 22.49
N ALA F 83 22.37 1.65 23.06
CA ALA F 83 22.24 1.86 24.48
C ALA F 83 22.90 0.69 25.24
N ALA F 84 22.70 -0.54 24.76
CA ALA F 84 23.30 -1.71 25.41
C ALA F 84 24.84 -1.62 25.45
N ARG F 85 25.42 -1.09 24.36
CA ARG F 85 26.87 -0.89 24.22
C ARG F 85 27.39 0.12 25.23
N LYS F 86 26.62 1.18 25.46
CA LYS F 86 26.98 2.22 26.44
C LYS F 86 26.97 1.68 27.88
N TYR F 87 26.06 0.75 28.18
CA TYR F 87 26.02 0.14 29.50
C TYR F 87 27.20 -0.82 29.64
N ALA F 88 27.52 -1.55 28.56
CA ALA F 88 28.64 -2.49 28.59
C ALA F 88 29.91 -1.72 28.90
N ARG F 89 29.91 -0.45 28.46
CA ARG F 89 31.01 0.51 28.61
C ARG F 89 31.12 1.07 30.02
N ILE F 90 29.98 1.43 30.58
CA ILE F 90 29.95 1.95 31.94
C ILE F 90 30.52 0.87 32.89
N VAL F 91 30.18 -0.39 32.62
CA VAL F 91 30.62 -1.53 33.43
C VAL F 91 32.14 -1.75 33.33
N GLN F 92 32.65 -1.63 32.10
CA GLN F 92 34.06 -1.74 31.79
C GLN F 92 34.84 -0.72 32.59
N LYS F 93 34.41 0.53 32.52
CA LYS F 93 35.05 1.62 33.24
C LYS F 93 34.97 1.42 34.75
N LEU F 94 34.06 0.56 35.18
CA LEU F 94 33.90 0.25 36.59
C LEU F 94 34.92 -0.83 36.98
N GLY F 95 35.73 -1.25 36.00
CA GLY F 95 36.76 -2.23 36.23
C GLY F 95 36.44 -3.67 35.91
N PHE F 96 35.34 -3.97 35.24
CA PHE F 96 35.05 -5.36 34.94
C PHE F 96 35.35 -5.53 33.49
N PRO F 97 35.98 -6.67 33.11
CA PRO F 97 36.32 -6.93 31.71
C PRO F 97 35.07 -7.32 30.88
N ALA F 98 34.10 -6.41 30.83
CA ALA F 98 32.85 -6.65 30.12
C ALA F 98 33.03 -6.80 28.62
N LYS F 99 32.36 -7.81 28.06
CA LYS F 99 32.38 -8.06 26.61
C LYS F 99 30.98 -7.73 26.09
N PHE F 100 30.62 -8.25 24.92
CA PHE F 100 29.30 -7.99 24.36
C PHE F 100 28.90 -9.23 23.58
N LYS F 101 28.54 -10.27 24.31
CA LYS F 101 28.21 -11.55 23.73
C LYS F 101 26.71 -11.84 23.55
N ASP F 102 26.36 -12.35 22.36
CA ASP F 102 24.98 -12.74 22.07
C ASP F 102 23.91 -11.68 22.23
N PHE F 103 24.19 -10.47 21.77
CA PHE F 103 23.18 -9.42 21.82
C PHE F 103 21.95 -9.95 21.09
N LYS F 104 20.77 -9.69 21.62
CA LYS F 104 19.57 -10.22 21.03
C LYS F 104 18.35 -9.35 21.25
N ILE F 105 17.59 -9.05 20.20
CA ILE F 105 16.34 -8.27 20.38
C ILE F 105 15.35 -9.35 20.86
N GLN F 106 14.73 -9.12 22.02
CA GLN F 106 13.82 -10.09 22.63
C GLN F 106 12.32 -9.77 22.51
N ASN F 107 11.98 -8.48 22.41
CA ASN F 107 10.60 -8.06 22.26
C ASN F 107 10.50 -6.67 21.62
N ILE F 108 9.56 -6.54 20.69
CA ILE F 108 9.34 -5.29 20.04
C ILE F 108 7.88 -4.95 20.27
N VAL F 109 7.64 -3.73 20.76
CA VAL F 109 6.26 -3.25 20.99
C VAL F 109 6.02 -2.07 20.03
N GLY F 110 4.91 -2.14 19.31
CA GLY F 110 4.52 -1.11 18.37
C GLY F 110 3.08 -0.67 18.56
N SER F 111 2.70 0.43 17.93
CA SER F 111 1.33 0.89 18.01
C SER F 111 0.89 1.62 16.75
N CYS F 112 -0.41 1.57 16.48
CA CYS F 112 -0.93 2.35 15.36
C CYS F 112 -2.38 2.69 15.56
N ASP F 113 -2.98 3.31 14.56
CA ASP F 113 -4.34 3.77 14.64
C ASP F 113 -5.01 3.53 13.27
N VAL F 114 -5.99 2.63 13.20
CA VAL F 114 -6.67 2.37 11.93
C VAL F 114 -7.58 3.50 11.46
N LYS F 115 -7.76 4.50 12.31
CA LYS F 115 -8.59 5.65 11.99
C LYS F 115 -10.12 5.50 11.84
N PHE F 116 -10.66 4.50 12.51
CA PHE F 116 -12.10 4.27 12.55
C PHE F 116 -12.38 3.45 13.80
N PRO F 117 -13.57 3.65 14.42
CA PRO F 117 -13.92 2.90 15.63
C PRO F 117 -14.27 1.45 15.33
N ILE F 118 -14.05 0.60 16.32
CA ILE F 118 -14.26 -0.83 16.17
C ILE F 118 -15.28 -1.44 17.13
N ARG F 119 -16.07 -2.36 16.60
CA ARG F 119 -17.08 -3.13 17.33
C ARG F 119 -16.35 -4.34 17.90
N LEU F 120 -15.73 -4.16 19.05
CA LEU F 120 -14.97 -5.21 19.73
C LEU F 120 -15.76 -6.47 19.98
N GLU F 121 -17.04 -6.31 20.31
CA GLU F 121 -17.90 -7.45 20.59
C GLU F 121 -18.15 -8.26 19.33
N GLY F 122 -18.29 -7.61 18.19
CA GLY F 122 -18.47 -8.35 16.94
C GLY F 122 -17.20 -9.10 16.54
N LEU F 123 -16.05 -8.48 16.79
CA LEU F 123 -14.77 -9.09 16.49
C LEU F 123 -14.52 -10.31 17.39
N ALA F 124 -14.80 -10.16 18.68
CA ALA F 124 -14.60 -11.24 19.65
C ALA F 124 -15.48 -12.42 19.28
N TYR F 125 -16.73 -12.13 18.95
CA TYR F 125 -17.70 -13.15 18.57
C TYR F 125 -17.22 -14.00 17.39
N SER F 126 -16.86 -13.33 16.31
CA SER F 126 -16.42 -14.02 15.10
C SER F 126 -14.99 -14.55 15.13
N HIS F 127 -14.20 -14.10 16.10
CA HIS F 127 -12.82 -14.55 16.25
C HIS F 127 -12.61 -15.04 17.68
N ALA F 128 -13.50 -15.93 18.13
CA ALA F 128 -13.45 -16.50 19.48
C ALA F 128 -12.14 -17.23 19.78
N ALA F 129 -11.62 -17.99 18.81
CA ALA F 129 -10.38 -18.71 19.04
C ALA F 129 -9.16 -17.83 19.26
N PHE F 130 -9.26 -16.53 18.94
CA PHE F 130 -8.12 -15.63 19.10
C PHE F 130 -8.38 -14.50 20.06
N SER F 131 -9.65 -14.26 20.37
CA SER F 131 -10.07 -13.15 21.20
C SER F 131 -10.42 -13.38 22.67
N SER F 132 -10.06 -12.41 23.49
CA SER F 132 -10.40 -12.40 24.90
C SER F 132 -10.82 -10.96 25.14
N TYR F 133 -12.11 -10.77 25.26
CA TYR F 133 -12.66 -9.45 25.49
C TYR F 133 -13.54 -9.45 26.75
N GLU F 134 -12.98 -8.96 27.85
CA GLU F 134 -13.69 -8.85 29.13
C GLU F 134 -13.58 -7.40 29.52
N PRO F 135 -14.45 -6.53 28.95
CA PRO F 135 -14.38 -5.10 29.27
C PRO F 135 -14.51 -4.71 30.74
N GLU F 136 -15.09 -5.58 31.58
CA GLU F 136 -15.21 -5.30 33.01
C GLU F 136 -13.86 -5.39 33.69
N LEU F 137 -12.92 -6.05 33.01
CA LEU F 137 -11.55 -6.22 33.53
C LEU F 137 -10.56 -5.31 32.83
N PHE F 138 -10.73 -5.13 31.51
CA PHE F 138 -9.79 -4.32 30.71
C PHE F 138 -10.54 -3.81 29.46
N PRO F 139 -10.48 -2.50 29.14
CA PRO F 139 -11.22 -2.05 27.96
C PRO F 139 -10.80 -2.54 26.59
N GLY F 140 -9.62 -3.14 26.45
CA GLY F 140 -9.21 -3.60 25.13
C GLY F 140 -9.38 -5.07 24.89
N LEU F 141 -9.62 -5.41 23.63
CA LEU F 141 -9.74 -6.82 23.24
C LEU F 141 -8.31 -7.35 23.03
N ILE F 142 -8.04 -8.56 23.54
CA ILE F 142 -6.71 -9.18 23.43
C ILE F 142 -6.80 -10.18 22.31
N TYR F 143 -6.10 -9.89 21.21
CA TYR F 143 -6.11 -10.75 20.04
C TYR F 143 -4.82 -11.54 19.95
N ARG F 144 -4.92 -12.84 20.13
CA ARG F 144 -3.73 -13.67 20.08
C ARG F 144 -3.60 -14.32 18.73
N MET F 145 -2.94 -13.60 17.81
CA MET F 145 -2.70 -14.08 16.47
C MET F 145 -1.72 -15.28 16.49
N LYS F 146 -2.00 -16.28 15.67
CA LYS F 146 -1.15 -17.47 15.62
C LYS F 146 -0.09 -17.37 14.53
N VAL F 147 -0.40 -16.70 13.44
CA VAL F 147 0.56 -16.54 12.36
C VAL F 147 0.58 -15.09 11.88
N PRO F 148 1.58 -14.30 12.28
CA PRO F 148 2.71 -14.65 13.17
C PRO F 148 2.19 -14.69 14.60
N LYS F 149 2.90 -15.39 15.47
CA LYS F 149 2.47 -15.52 16.85
C LYS F 149 2.75 -14.20 17.53
N ILE F 150 1.76 -13.31 17.48
CA ILE F 150 1.88 -11.93 18.00
C ILE F 150 0.57 -11.59 18.70
N VAL F 151 0.65 -10.76 19.73
CA VAL F 151 -0.54 -10.35 20.45
C VAL F 151 -0.88 -8.88 20.18
N LEU F 152 -2.13 -8.63 19.81
CA LEU F 152 -2.62 -7.28 19.54
C LEU F 152 -3.68 -6.85 20.56
N LEU F 153 -3.56 -5.65 21.12
CA LEU F 153 -4.56 -5.13 22.06
C LEU F 153 -5.34 -4.13 21.21
N ILE F 154 -6.61 -4.43 20.99
CA ILE F 154 -7.49 -3.64 20.13
C ILE F 154 -8.54 -2.88 20.90
N PHE F 155 -8.62 -1.58 20.64
CA PHE F 155 -9.53 -0.70 21.36
C PHE F 155 -10.66 -0.18 20.49
N VAL F 156 -11.75 0.25 21.12
CA VAL F 156 -12.92 0.77 20.38
C VAL F 156 -12.53 1.97 19.51
N SER F 157 -11.56 2.74 20.01
CA SER F 157 -11.07 3.93 19.35
C SER F 157 -10.43 3.71 17.98
N GLY F 158 -9.90 2.53 17.73
CA GLY F 158 -9.22 2.27 16.48
C GLY F 158 -7.72 2.18 16.76
N LYS F 159 -7.31 2.47 17.99
CA LYS F 159 -5.89 2.37 18.37
C LYS F 159 -5.58 0.89 18.60
N ILE F 160 -4.36 0.49 18.26
CA ILE F 160 -3.89 -0.88 18.35
C ILE F 160 -2.47 -0.94 18.93
N VAL F 161 -2.24 -1.81 19.90
CA VAL F 161 -0.91 -2.07 20.44
C VAL F 161 -0.54 -3.46 19.88
N ILE F 162 0.70 -3.65 19.46
CA ILE F 162 1.15 -4.91 18.87
C ILE F 162 2.43 -5.32 19.58
N THR F 163 2.39 -6.45 20.28
CA THR F 163 3.55 -6.87 21.04
C THR F 163 3.93 -8.34 20.87
N GLY F 164 5.15 -8.70 21.27
CA GLY F 164 5.59 -10.08 21.13
C GLY F 164 6.59 -10.40 20.02
N ALA F 165 6.80 -9.48 19.08
CA ALA F 165 7.73 -9.66 17.94
C ALA F 165 9.22 -9.63 18.30
N LYS F 166 9.99 -10.46 17.62
CA LYS F 166 11.42 -10.43 17.80
C LYS F 166 12.13 -9.77 16.59
N MET F 167 11.33 -9.48 15.56
CA MET F 167 11.73 -8.80 14.31
C MET F 167 10.57 -7.84 13.96
N ARG F 168 10.86 -6.61 13.57
CA ARG F 168 9.81 -5.64 13.21
C ARG F 168 8.88 -6.08 12.06
N ASP F 169 9.34 -6.99 11.21
CA ASP F 169 8.50 -7.48 10.13
C ASP F 169 7.28 -8.26 10.64
N GLU F 170 7.41 -8.92 11.80
CA GLU F 170 6.29 -9.66 12.40
C GLU F 170 5.24 -8.66 12.91
N THR F 171 5.71 -7.56 13.50
CA THR F 171 4.85 -6.47 13.98
C THR F 171 4.01 -5.98 12.78
N TYR F 172 4.69 -5.74 11.66
CA TYR F 172 4.03 -5.26 10.45
C TYR F 172 3.11 -6.32 9.85
N LYS F 173 3.54 -7.57 9.85
CA LYS F 173 2.74 -8.65 9.29
C LYS F 173 1.44 -8.80 10.09
N ALA F 174 1.59 -8.82 11.42
CA ALA F 174 0.46 -8.93 12.35
C ALA F 174 -0.52 -7.78 12.06
N PHE F 175 -0.05 -6.54 12.01
CA PHE F 175 -0.98 -5.46 11.69
C PHE F 175 -1.63 -5.60 10.31
N GLU F 176 -0.85 -6.00 9.29
CA GLU F 176 -1.38 -6.13 7.94
C GLU F 176 -2.41 -7.26 7.91
N ASN F 177 -2.20 -8.28 8.75
CA ASN F 177 -3.13 -9.38 8.82
C ASN F 177 -4.45 -8.96 9.48
N ILE F 178 -4.39 -8.13 10.52
CA ILE F 178 -5.61 -7.75 11.21
C ILE F 178 -6.37 -6.59 10.60
N TYR F 179 -5.71 -5.76 9.79
CA TYR F 179 -6.36 -4.58 9.23
C TYR F 179 -7.66 -4.85 8.44
N PRO F 180 -7.63 -5.81 7.50
CA PRO F 180 -8.87 -6.10 6.73
C PRO F 180 -9.95 -6.77 7.60
N VAL F 181 -9.56 -7.28 8.76
CA VAL F 181 -10.51 -7.89 9.68
C VAL F 181 -11.18 -6.74 10.39
N LEU F 182 -10.36 -5.81 10.87
CA LEU F 182 -10.88 -4.66 11.57
C LEU F 182 -11.88 -3.84 10.76
N SER F 183 -11.62 -3.66 9.46
CA SER F 183 -12.55 -2.89 8.61
C SER F 183 -13.94 -3.56 8.52
N GLU F 184 -13.99 -4.86 8.70
CA GLU F 184 -15.24 -5.57 8.66
C GLU F 184 -16.04 -5.33 9.95
N PHE F 185 -15.37 -4.91 11.02
CA PHE F 185 -16.05 -4.66 12.28
C PHE F 185 -15.97 -3.23 12.69
N ARG F 186 -15.96 -2.34 11.70
CA ARG F 186 -15.94 -0.92 11.97
C ARG F 186 -17.25 -0.62 12.71
N LYS F 187 -17.22 0.37 13.60
CA LYS F 187 -18.37 0.76 14.39
C LYS F 187 -19.13 1.90 13.71
N ILE F 188 -20.26 1.56 13.10
CA ILE F 188 -21.12 2.54 12.42
C ILE F 188 -22.43 2.72 13.18
#